data_4EYT
#
_entry.id   4EYT
#
_cell.length_a   156.190
_cell.length_b   91.900
_cell.length_c   82.830
_cell.angle_alpha   90.000
_cell.angle_beta   107.360
_cell.angle_gamma   90.000
#
_symmetry.space_group_name_H-M   'C 1 2 1'
#
loop_
_entity.id
_entity.type
_entity.pdbx_description
1 polymer 'Telomerase associated protein p65'
2 non-polymer 'SULFATE ION'
3 water water
#
_entity_poly.entity_id   1
_entity_poly.type   'polypeptide(L)'
_entity_poly.pdbx_seq_one_letter_code
;MHHHHHHSIKQNCLIKIINIPQGTLKAEVVLAVRHLGYEFYCDYIDGQAMIRFQNSDEQRLAIQKLLNHNNNKLQIEIRG
QICDVISTIPEDEEKNYWNYIKFKKNEFRKFFFMKKQQKKQNITQNYNK
;
_entity_poly.pdbx_strand_id   A,B,C,D,E,F
#
loop_
_chem_comp.id
_chem_comp.type
_chem_comp.name
_chem_comp.formula
SO4 non-polymer 'SULFATE ION' 'O4 S -2'
#
# COMPACT_ATOMS: atom_id res chain seq x y z
N LYS A 10 -12.77 0.32 -20.97
CA LYS A 10 -12.94 1.61 -20.35
C LYS A 10 -11.77 2.54 -20.68
N GLN A 11 -11.97 3.84 -20.52
CA GLN A 11 -10.91 4.82 -20.83
C GLN A 11 -10.54 5.71 -19.64
N ASN A 12 -9.23 5.99 -19.52
CA ASN A 12 -8.64 6.82 -18.45
C ASN A 12 -8.38 6.10 -17.12
N CYS A 13 -8.12 4.79 -17.16
CA CYS A 13 -7.89 4.02 -15.94
C CYS A 13 -6.50 3.39 -15.82
N LEU A 14 -5.47 4.14 -16.22
CA LEU A 14 -4.11 3.63 -16.18
C LEU A 14 -3.16 4.53 -15.41
N ILE A 15 -2.28 3.91 -14.64
CA ILE A 15 -1.11 4.60 -14.11
C ILE A 15 0.17 3.81 -14.39
N LYS A 16 1.28 4.51 -14.61
CA LYS A 16 2.57 3.88 -14.83
C LYS A 16 3.53 4.16 -13.67
N ILE A 17 3.97 3.12 -12.97
CA ILE A 17 5.01 3.25 -11.95
C ILE A 17 6.36 3.17 -12.66
N ILE A 18 7.30 4.06 -12.33
CA ILE A 18 8.61 4.04 -12.99
C ILE A 18 9.82 3.98 -12.05
N ASN A 19 10.98 3.68 -12.63
CA ASN A 19 12.22 3.49 -11.88
C ASN A 19 12.04 2.56 -10.69
N ILE A 20 11.42 1.40 -10.94
CA ILE A 20 11.37 0.35 -9.94
C ILE A 20 12.75 -0.27 -9.95
N PRO A 21 13.34 -0.44 -8.75
CA PRO A 21 14.71 -1.00 -8.65
C PRO A 21 14.91 -2.27 -9.47
N GLN A 22 16.14 -2.48 -9.95
CA GLN A 22 16.48 -3.61 -10.81
C GLN A 22 16.02 -4.96 -10.23
N GLY A 23 15.37 -5.75 -11.07
CA GLY A 23 14.98 -7.09 -10.70
C GLY A 23 14.08 -7.25 -9.50
N THR A 24 13.19 -6.29 -9.31
CA THR A 24 12.10 -6.44 -8.37
C THR A 24 11.21 -7.51 -9.01
N LEU A 25 10.58 -8.36 -8.20
CA LEU A 25 9.61 -9.33 -8.72
C LEU A 25 8.23 -8.68 -8.91
N LYS A 26 7.52 -9.06 -9.97
CA LYS A 26 6.15 -8.62 -10.19
C LYS A 26 5.32 -8.67 -8.91
N ALA A 27 5.43 -9.76 -8.17
CA ALA A 27 4.67 -9.89 -6.92
C ALA A 27 4.96 -8.76 -5.91
N GLU A 28 6.16 -8.21 -5.93
CA GLU A 28 6.51 -7.13 -5.00
C GLU A 28 5.85 -5.81 -5.35
N VAL A 29 5.79 -5.56 -6.67
CA VAL A 29 5.01 -4.47 -7.23
C VAL A 29 3.57 -4.66 -6.81
N VAL A 30 2.98 -5.80 -7.20
CA VAL A 30 1.59 -6.15 -6.89
C VAL A 30 1.21 -5.93 -5.43
N LEU A 31 2.02 -6.48 -4.52
CA LEU A 31 1.82 -6.23 -3.08
C LEU A 31 1.84 -4.75 -2.75
N ALA A 32 2.71 -3.97 -3.39
CA ALA A 32 2.71 -2.53 -3.14
C ALA A 32 1.42 -1.83 -3.60
N VAL A 33 1.06 -2.00 -4.87
CA VAL A 33 -0.18 -1.44 -5.37
C VAL A 33 -1.42 -1.90 -4.58
N ARG A 34 -1.33 -3.10 -4.00
CA ARG A 34 -2.44 -3.71 -3.30
C ARG A 34 -2.88 -2.90 -2.08
N HIS A 35 -1.91 -2.26 -1.41
CA HIS A 35 -2.19 -1.40 -0.26
C HIS A 35 -3.06 -0.15 -0.54
N LEU A 36 -3.11 0.28 -1.81
CA LEU A 36 -4.06 1.32 -2.18
C LEU A 36 -5.51 0.84 -2.04
N GLY A 37 -5.72 -0.47 -1.92
CA GLY A 37 -7.06 -1.01 -1.69
C GLY A 37 -8.01 -1.09 -2.88
N TYR A 38 -7.56 -0.74 -4.08
CA TYR A 38 -8.39 -1.01 -5.25
C TYR A 38 -7.85 -2.19 -6.08
N GLU A 39 -8.74 -2.86 -6.77
CA GLU A 39 -8.42 -4.01 -7.57
C GLU A 39 -7.81 -3.51 -8.83
N PHE A 40 -6.84 -4.25 -9.36
CA PHE A 40 -6.08 -3.80 -10.52
C PHE A 40 -5.46 -4.96 -11.26
N TYR A 41 -5.17 -4.75 -12.54
CA TYR A 41 -4.30 -5.64 -13.29
C TYR A 41 -2.90 -5.00 -13.49
N CYS A 42 -1.86 -5.77 -13.16
CA CYS A 42 -0.48 -5.34 -13.32
C CYS A 42 0.22 -6.01 -14.49
N ASP A 43 0.91 -5.23 -15.32
CA ASP A 43 1.82 -5.78 -16.33
C ASP A 43 3.18 -5.15 -16.17
N TYR A 44 4.14 -5.95 -15.71
CA TYR A 44 5.45 -5.45 -15.30
C TYR A 44 6.61 -5.93 -16.19
N ILE A 45 7.18 -4.99 -16.94
CA ILE A 45 8.18 -5.31 -17.95
C ILE A 45 9.60 -5.30 -17.35
N ASP A 46 10.09 -4.11 -16.98
CA ASP A 46 11.39 -3.97 -16.30
C ASP A 46 11.58 -2.49 -15.98
N GLY A 47 11.51 -2.16 -14.69
CA GLY A 47 11.59 -0.77 -14.26
C GLY A 47 10.26 -0.05 -14.32
N GLN A 48 9.40 -0.46 -15.25
CA GLN A 48 8.11 0.18 -15.47
C GLN A 48 6.94 -0.80 -15.37
N ALA A 49 6.05 -0.56 -14.40
CA ALA A 49 4.85 -1.36 -14.23
C ALA A 49 3.62 -0.61 -14.74
N MET A 50 2.76 -1.28 -15.49
CA MET A 50 1.52 -0.65 -15.91
C MET A 50 0.37 -1.22 -15.11
N ILE A 51 -0.31 -0.33 -14.40
CA ILE A 51 -1.39 -0.67 -13.50
C ILE A 51 -2.69 -0.19 -14.12
N ARG A 52 -3.62 -1.12 -14.30
CA ARG A 52 -4.93 -0.81 -14.87
C ARG A 52 -6.01 -1.00 -13.82
N PHE A 53 -6.88 0.01 -13.66
CA PHE A 53 -7.94 -0.05 -12.64
C PHE A 53 -9.30 -0.32 -13.29
N GLN A 54 -10.30 -0.72 -12.49
CA GLN A 54 -11.61 -1.07 -13.06
C GLN A 54 -12.28 0.04 -13.87
N ASN A 55 -12.16 1.29 -13.41
CA ASN A 55 -12.74 2.46 -14.10
C ASN A 55 -12.10 3.78 -13.67
N SER A 56 -12.47 4.87 -14.34
CA SER A 56 -11.89 6.19 -14.08
C SER A 56 -12.00 6.64 -12.62
N ASP A 57 -13.11 6.30 -11.99
CA ASP A 57 -13.33 6.64 -10.59
C ASP A 57 -12.29 5.96 -9.67
N GLU A 58 -12.09 4.66 -9.85
CA GLU A 58 -11.14 3.96 -9.01
C GLU A 58 -9.70 4.36 -9.31
N GLN A 59 -9.43 4.66 -10.59
CA GLN A 59 -8.13 5.21 -10.95
C GLN A 59 -7.87 6.50 -10.16
N ARG A 60 -8.82 7.44 -10.20
CA ARG A 60 -8.69 8.71 -9.48
C ARG A 60 -8.58 8.54 -7.95
N LEU A 61 -9.33 7.60 -7.39
CA LEU A 61 -9.19 7.31 -5.97
C LEU A 61 -7.81 6.75 -5.64
N ALA A 62 -7.25 5.98 -6.58
CA ALA A 62 -5.95 5.34 -6.33
C ALA A 62 -4.87 6.41 -6.38
N ILE A 63 -4.98 7.32 -7.35
CA ILE A 63 -4.06 8.45 -7.44
C ILE A 63 -4.17 9.34 -6.20
N GLN A 64 -5.39 9.54 -5.72
CA GLN A 64 -5.58 10.34 -4.52
C GLN A 64 -4.95 9.69 -3.28
N LYS A 65 -4.97 8.36 -3.23
CA LYS A 65 -4.32 7.63 -2.16
C LYS A 65 -2.79 7.77 -2.27
N LEU A 66 -2.29 7.88 -3.50
CA LEU A 66 -0.85 7.87 -3.74
C LEU A 66 -0.22 9.20 -3.34
N LEU A 67 -0.96 10.26 -3.62
CA LEU A 67 -0.52 11.64 -3.47
C LEU A 67 0.07 11.96 -2.10
N ASN A 68 1.34 12.37 -2.10
CA ASN A 68 2.05 12.79 -0.89
C ASN A 68 1.92 14.29 -0.67
N HIS A 69 1.21 14.66 0.40
CA HIS A 69 0.78 16.04 0.60
C HIS A 69 1.86 17.02 1.05
N ASN A 70 3.11 16.59 0.96
CA ASN A 70 4.23 17.49 1.19
C ASN A 70 4.75 18.03 -0.13
N ASN A 71 5.49 17.18 -0.85
CA ASN A 71 6.03 17.56 -2.14
C ASN A 71 4.99 17.57 -3.25
N ASN A 72 3.77 17.15 -2.92
CA ASN A 72 2.68 17.10 -3.89
C ASN A 72 2.92 16.09 -5.02
N LYS A 73 3.77 15.09 -4.78
CA LYS A 73 4.13 14.09 -5.79
C LYS A 73 3.32 12.80 -5.67
N LEU A 74 3.16 12.08 -6.78
CA LEU A 74 2.57 10.76 -6.72
C LEU A 74 3.68 9.74 -6.44
N GLN A 75 3.67 9.16 -5.25
CA GLN A 75 4.71 8.21 -4.91
C GLN A 75 4.23 6.86 -4.36
N ILE A 76 4.97 5.81 -4.73
CA ILE A 76 4.76 4.49 -4.13
C ILE A 76 6.10 3.89 -3.73
N GLU A 77 6.13 3.29 -2.55
CA GLU A 77 7.29 2.59 -2.03
C GLU A 77 7.29 1.11 -2.43
N ILE A 78 8.31 0.69 -3.17
CA ILE A 78 8.52 -0.72 -3.57
C ILE A 78 9.93 -1.19 -3.20
N ARG A 79 10.02 -2.09 -2.22
CA ARG A 79 11.30 -2.60 -1.72
C ARG A 79 12.06 -1.48 -1.01
N GLY A 80 11.33 -0.68 -0.24
CA GLY A 80 11.93 0.44 0.46
C GLY A 80 12.31 1.67 -0.37
N GLN A 81 12.38 1.54 -1.69
CA GLN A 81 12.72 2.69 -2.54
C GLN A 81 11.50 3.43 -3.12
N ILE A 82 11.62 4.76 -3.15
CA ILE A 82 10.56 5.62 -3.66
C ILE A 82 10.52 5.56 -5.18
N CYS A 83 9.35 5.21 -5.71
CA CYS A 83 9.15 5.15 -7.16
C CYS A 83 8.03 6.11 -7.51
N ASP A 84 8.19 6.79 -8.64
CA ASP A 84 7.23 7.80 -9.03
C ASP A 84 6.11 7.17 -9.84
N VAL A 85 4.91 7.73 -9.72
CA VAL A 85 3.78 7.33 -10.54
C VAL A 85 3.44 8.42 -11.53
N ILE A 86 3.29 8.03 -12.79
CA ILE A 86 2.80 8.89 -13.87
C ILE A 86 1.35 8.54 -14.13
N SER A 87 0.48 9.55 -14.08
CA SER A 87 -0.96 9.32 -14.23
C SER A 87 -1.48 9.75 -15.60
N THR A 88 -0.72 10.62 -16.26
CA THR A 88 -1.07 11.04 -17.60
C THR A 88 -0.33 10.15 -18.60
N ILE A 89 -0.90 8.98 -18.89
CA ILE A 89 -0.33 8.10 -19.91
C ILE A 89 -0.63 8.67 -21.29
N PRO A 90 0.41 8.99 -22.09
CA PRO A 90 0.19 9.47 -23.46
C PRO A 90 -0.77 8.55 -24.24
N GLU A 91 -1.51 9.14 -25.18
CA GLU A 91 -2.59 8.43 -25.88
C GLU A 91 -2.11 7.20 -26.64
N ASP A 92 -1.10 7.40 -27.51
CA ASP A 92 -0.58 6.31 -28.33
C ASP A 92 0.00 5.16 -27.50
N GLU A 93 0.66 5.51 -26.40
CA GLU A 93 1.20 4.49 -25.50
C GLU A 93 0.07 3.69 -24.86
N GLU A 94 -1.00 4.38 -24.49
CA GLU A 94 -2.21 3.71 -23.99
C GLU A 94 -2.76 2.74 -25.04
N LYS A 95 -2.81 3.20 -26.28
CA LYS A 95 -3.23 2.36 -27.39
C LYS A 95 -2.38 1.09 -27.46
N ASN A 96 -1.06 1.26 -27.36
CA ASN A 96 -0.14 0.13 -27.35
C ASN A 96 -0.37 -0.84 -26.19
N TYR A 97 -0.64 -0.31 -25.00
CA TYR A 97 -0.93 -1.18 -23.85
C TYR A 97 -2.19 -1.99 -24.08
N TRP A 98 -3.26 -1.33 -24.53
CA TRP A 98 -4.51 -2.04 -24.75
C TRP A 98 -4.33 -3.09 -25.84
N ASN A 99 -3.43 -2.78 -26.78
CA ASN A 99 -3.07 -3.70 -27.85
C ASN A 99 -2.34 -4.95 -27.36
N TYR A 100 -1.19 -4.73 -26.71
CA TYR A 100 -0.40 -5.80 -26.11
C TYR A 100 -1.19 -6.63 -25.07
N ILE A 101 -2.26 -6.04 -24.53
CA ILE A 101 -3.18 -6.81 -23.69
C ILE A 101 -4.10 -7.65 -24.57
N LYS A 102 -4.68 -7.04 -25.61
CA LYS A 102 -5.60 -7.77 -26.47
C LYS A 102 -4.91 -8.92 -27.20
N PHE A 103 -3.59 -8.87 -27.29
CA PHE A 103 -2.82 -10.00 -27.82
C PHE A 103 -2.32 -10.98 -26.74
N LYS A 104 -1.54 -10.49 -25.77
CA LYS A 104 -0.73 -11.37 -24.92
C LYS A 104 -1.47 -12.34 -24.00
N LYS A 105 -2.75 -12.10 -23.76
CA LYS A 105 -3.56 -13.00 -22.93
C LYS A 105 -3.91 -14.29 -23.67
N ASN A 106 -3.70 -15.44 -23.02
CA ASN A 106 -3.98 -16.74 -23.64
C ASN A 106 -5.47 -17.06 -23.74
N ASN B 12 -11.62 -2.42 26.06
CA ASN B 12 -11.82 -1.03 25.68
C ASN B 12 -11.13 -0.63 24.37
N CYS B 13 -10.05 0.15 24.46
CA CYS B 13 -9.53 0.88 23.30
C CYS B 13 -8.11 0.54 22.85
N LEU B 14 -7.46 -0.37 23.55
CA LEU B 14 -6.06 -0.64 23.27
C LEU B 14 -5.85 -1.85 22.35
N ILE B 15 -4.91 -1.73 21.42
CA ILE B 15 -4.24 -2.92 20.90
C ILE B 15 -2.73 -2.80 21.15
N LYS B 16 -2.00 -3.87 20.92
CA LYS B 16 -0.56 -3.89 21.21
C LYS B 16 0.22 -4.57 20.12
N ILE B 17 1.30 -3.95 19.65
CA ILE B 17 2.08 -4.55 18.58
C ILE B 17 3.40 -5.00 19.20
N ILE B 18 3.77 -6.26 18.98
CA ILE B 18 5.05 -6.78 19.51
C ILE B 18 5.87 -7.44 18.43
N ASN B 19 7.13 -7.74 18.79
CA ASN B 19 8.15 -8.25 17.87
C ASN B 19 8.35 -7.32 16.68
N ILE B 20 8.27 -6.02 16.95
CA ILE B 20 8.60 -4.99 15.97
C ILE B 20 10.10 -5.03 15.88
N PRO B 21 10.64 -5.05 14.65
CA PRO B 21 12.08 -5.16 14.36
C PRO B 21 12.99 -4.27 15.20
N GLN B 22 14.28 -4.63 15.26
CA GLN B 22 15.22 -3.94 16.12
C GLN B 22 15.27 -2.45 15.83
N GLY B 23 15.16 -1.65 16.89
CA GLY B 23 15.19 -0.20 16.80
C GLY B 23 14.48 0.52 15.65
N THR B 24 13.31 0.02 15.22
CA THR B 24 12.46 0.76 14.29
C THR B 24 12.08 2.08 14.96
N LEU B 25 11.63 3.06 14.18
CA LEU B 25 11.32 4.35 14.80
C LEU B 25 9.84 4.42 15.11
N LYS B 26 9.50 5.13 16.18
CA LYS B 26 8.10 5.40 16.49
C LYS B 26 7.35 5.91 15.26
N ALA B 27 8.00 6.75 14.47
CA ALA B 27 7.39 7.24 13.24
C ALA B 27 6.95 6.11 12.37
N GLU B 28 7.74 5.04 12.36
CA GLU B 28 7.57 3.96 11.38
C GLU B 28 6.40 3.03 11.72
N VAL B 29 6.19 2.86 13.03
CA VAL B 29 5.01 2.25 13.61
C VAL B 29 3.76 3.11 13.33
N VAL B 30 3.85 4.39 13.69
CA VAL B 30 2.74 5.34 13.44
C VAL B 30 2.27 5.34 11.97
N LEU B 31 3.17 5.48 11.00
CA LEU B 31 2.73 5.48 9.60
C LEU B 31 2.07 4.16 9.20
N ALA B 32 2.34 3.10 9.95
CA ALA B 32 1.79 1.80 9.62
C ALA B 32 0.38 1.66 10.16
N VAL B 33 0.20 1.88 11.46
CA VAL B 33 -1.14 1.88 12.03
C VAL B 33 -2.07 2.90 11.29
N ARG B 34 -1.50 4.01 10.82
CA ARG B 34 -2.27 5.03 10.11
C ARG B 34 -2.97 4.49 8.89
N HIS B 35 -2.50 3.38 8.35
CA HIS B 35 -3.17 2.82 7.16
C HIS B 35 -4.58 2.32 7.46
N LEU B 36 -4.90 2.17 8.74
CA LEU B 36 -6.20 1.65 9.16
C LEU B 36 -7.30 2.72 9.12
N GLY B 37 -6.88 3.98 9.13
CA GLY B 37 -7.76 5.09 8.83
C GLY B 37 -8.44 5.68 10.05
N TYR B 38 -7.93 5.35 11.24
CA TYR B 38 -8.53 5.83 12.47
C TYR B 38 -7.51 6.61 13.30
N GLU B 39 -7.96 7.54 14.12
CA GLU B 39 -7.06 8.34 14.95
C GLU B 39 -6.62 7.49 16.12
N PHE B 40 -5.40 7.75 16.59
CA PHE B 40 -4.82 6.95 17.66
C PHE B 40 -3.56 7.58 18.24
N TYR B 41 -3.34 7.32 19.53
CA TYR B 41 -2.08 7.65 20.20
C TYR B 41 -1.19 6.40 20.22
N CYS B 42 0.12 6.60 20.34
CA CYS B 42 1.06 5.49 20.22
C CYS B 42 2.27 5.62 21.15
N ASP B 43 2.62 4.55 21.86
CA ASP B 43 3.81 4.59 22.73
C ASP B 43 4.72 3.40 22.47
N TYR B 44 5.99 3.66 22.16
CA TYR B 44 6.88 2.66 21.56
C TYR B 44 8.31 2.65 22.10
N ILE B 45 8.90 1.45 22.19
CA ILE B 45 10.34 1.24 22.43
C ILE B 45 10.73 -0.16 21.99
N ASP B 46 12.00 -0.35 21.62
CA ASP B 46 12.62 -1.67 21.49
C ASP B 46 11.69 -2.79 20.94
N GLY B 47 10.99 -2.52 19.85
CA GLY B 47 10.11 -3.50 19.24
C GLY B 47 8.70 -3.70 19.78
N GLN B 48 8.17 -2.75 20.56
CA GLN B 48 6.96 -3.01 21.34
C GLN B 48 6.00 -1.79 21.57
N ALA B 49 5.05 -1.60 20.64
CA ALA B 49 4.10 -0.46 20.72
C ALA B 49 2.72 -0.73 21.34
N MET B 50 2.24 0.24 22.11
CA MET B 50 0.85 0.24 22.54
C MET B 50 0.08 1.30 21.73
N ILE B 51 -1.12 0.92 21.27
CA ILE B 51 -1.88 1.75 20.34
C ILE B 51 -3.25 2.02 20.90
N ARG B 52 -3.66 3.28 20.95
CA ARG B 52 -4.91 3.61 21.61
C ARG B 52 -5.81 4.43 20.71
N PHE B 53 -6.93 3.82 20.31
CA PHE B 53 -7.88 4.47 19.42
C PHE B 53 -8.83 5.38 20.21
N GLN B 54 -9.66 6.17 19.52
CA GLN B 54 -10.50 7.17 20.21
C GLN B 54 -11.60 6.57 21.10
N ASN B 55 -12.15 5.44 20.67
CA ASN B 55 -13.22 4.73 21.39
C ASN B 55 -13.24 3.26 21.00
N SER B 56 -14.09 2.46 21.64
CA SER B 56 -14.03 1.01 21.44
C SER B 56 -14.48 0.52 20.05
N ASP B 57 -15.44 1.21 19.43
CA ASP B 57 -15.94 0.73 18.16
C ASP B 57 -15.00 1.06 17.02
N GLU B 58 -14.21 2.12 17.19
CA GLU B 58 -13.19 2.42 16.20
C GLU B 58 -12.00 1.48 16.37
N GLN B 59 -11.81 0.99 17.60
CA GLN B 59 -10.83 -0.06 17.81
C GLN B 59 -11.24 -1.34 17.08
N ARG B 60 -12.48 -1.80 17.32
CA ARG B 60 -13.00 -3.02 16.67
C ARG B 60 -12.99 -2.88 15.16
N LEU B 61 -13.34 -1.68 14.70
CA LEU B 61 -13.33 -1.37 13.27
C LEU B 61 -11.93 -1.42 12.66
N ALA B 62 -10.95 -0.88 13.39
CA ALA B 62 -9.57 -0.90 12.95
C ALA B 62 -9.01 -2.32 12.92
N ILE B 63 -9.28 -3.09 13.97
CA ILE B 63 -8.92 -4.50 14.03
C ILE B 63 -9.52 -5.30 12.86
N GLN B 64 -10.73 -4.92 12.44
CA GLN B 64 -11.32 -5.52 11.24
C GLN B 64 -10.65 -5.06 9.91
N LYS B 65 -10.31 -3.77 9.80
CA LYS B 65 -9.58 -3.26 8.63
C LYS B 65 -8.20 -3.92 8.51
N LEU B 66 -7.60 -4.17 9.67
CA LEU B 66 -6.37 -4.90 9.80
C LEU B 66 -6.57 -6.34 9.34
N LEU B 67 -7.62 -6.99 9.86
CA LEU B 67 -7.91 -8.35 9.48
C LEU B 67 -8.08 -8.49 7.96
N ASN B 68 -8.70 -7.51 7.30
CA ASN B 68 -8.81 -7.49 5.84
C ASN B 68 -7.48 -7.32 5.13
N HIS B 69 -6.73 -6.29 5.52
CA HIS B 69 -5.45 -5.99 4.86
C HIS B 69 -4.38 -7.06 5.06
N ASN B 70 -4.61 -8.02 5.97
CA ASN B 70 -3.57 -8.97 6.35
C ASN B 70 -3.97 -10.44 6.34
N ASN B 71 -4.71 -10.86 5.31
CA ASN B 71 -5.05 -12.28 5.19
C ASN B 71 -5.78 -12.88 6.41
N ASN B 72 -6.66 -12.08 7.00
CA ASN B 72 -7.37 -12.43 8.22
C ASN B 72 -6.52 -12.96 9.37
N LYS B 73 -5.29 -12.45 9.44
CA LYS B 73 -4.43 -12.67 10.60
C LYS B 73 -4.28 -11.35 11.39
N LEU B 74 -4.09 -11.45 12.71
CA LEU B 74 -3.86 -10.28 13.55
C LEU B 74 -2.38 -9.92 13.50
N GLN B 75 -1.98 -9.35 12.39
CA GLN B 75 -0.59 -9.10 12.10
C GLN B 75 -0.47 -7.72 11.44
N ILE B 76 0.61 -7.00 11.76
CA ILE B 76 0.89 -5.79 11.00
C ILE B 76 2.31 -5.81 10.48
N GLU B 77 2.46 -5.49 9.20
CA GLU B 77 3.77 -5.31 8.57
C GLU B 77 4.35 -3.93 8.88
N ILE B 78 5.48 -3.92 9.57
CA ILE B 78 6.25 -2.71 9.86
C ILE B 78 7.68 -2.94 9.40
N ARG B 79 8.18 -2.10 8.48
CA ARG B 79 9.50 -2.31 7.87
C ARG B 79 9.66 -3.70 7.28
N GLY B 80 8.69 -4.12 6.48
CA GLY B 80 8.76 -5.39 5.76
C GLY B 80 8.71 -6.65 6.61
N GLN B 81 8.73 -6.48 7.92
CA GLN B 81 8.60 -7.61 8.84
C GLN B 81 7.16 -7.74 9.38
N ILE B 82 6.75 -8.97 9.66
CA ILE B 82 5.44 -9.25 10.25
C ILE B 82 5.51 -9.16 11.78
N CYS B 83 4.69 -8.29 12.37
CA CYS B 83 4.67 -8.12 13.82
C CYS B 83 3.32 -8.53 14.34
N ASP B 84 3.30 -9.01 15.57
CA ASP B 84 2.08 -9.62 16.07
C ASP B 84 1.24 -8.58 16.75
N VAL B 85 -0.04 -8.50 16.38
CA VAL B 85 -0.97 -7.68 17.14
C VAL B 85 -1.74 -8.48 18.19
N ILE B 86 -1.58 -8.08 19.44
CA ILE B 86 -2.40 -8.51 20.55
C ILE B 86 -3.61 -7.58 20.66
N SER B 87 -4.76 -8.11 20.25
CA SER B 87 -5.98 -7.33 20.05
C SER B 87 -6.75 -7.08 21.35
N THR B 88 -6.28 -7.70 22.43
CA THR B 88 -6.95 -7.67 23.74
C THR B 88 -5.94 -7.53 24.88
N ILE B 89 -6.03 -6.44 25.62
CA ILE B 89 -5.12 -6.20 26.72
C ILE B 89 -5.87 -6.48 28.01
N PRO B 90 -5.37 -7.43 28.82
CA PRO B 90 -5.92 -7.70 30.15
C PRO B 90 -6.01 -6.43 31.01
N GLU B 91 -6.85 -6.46 32.05
CA GLU B 91 -7.21 -5.26 32.81
C GLU B 91 -6.07 -4.59 33.57
N ASP B 92 -5.15 -5.38 34.11
CA ASP B 92 -4.04 -4.87 34.90
C ASP B 92 -3.06 -4.04 34.05
N GLU B 93 -2.71 -4.61 32.90
CA GLU B 93 -1.87 -3.95 31.91
C GLU B 93 -2.52 -2.65 31.41
N GLU B 94 -3.82 -2.69 31.15
CA GLU B 94 -4.61 -1.50 30.79
C GLU B 94 -4.49 -0.41 31.87
N LYS B 95 -4.69 -0.81 33.13
CA LYS B 95 -4.50 0.09 34.26
C LYS B 95 -3.15 0.77 34.20
N ASN B 96 -2.09 -0.02 34.07
CA ASN B 96 -0.74 0.53 34.00
C ASN B 96 -0.58 1.51 32.85
N TYR B 97 -1.19 1.18 31.71
CA TYR B 97 -1.11 2.08 30.56
C TYR B 97 -1.77 3.42 30.87
N TRP B 98 -2.88 3.39 31.59
CA TRP B 98 -3.57 4.65 31.92
C TRP B 98 -2.89 5.45 33.01
N ASN B 99 -2.22 4.78 33.94
CA ASN B 99 -1.33 5.50 34.86
C ASN B 99 -0.26 6.24 34.08
N TYR B 100 0.42 5.52 33.19
CA TYR B 100 1.48 6.11 32.38
C TYR B 100 0.98 7.28 31.52
N ILE B 101 -0.16 7.12 30.86
CA ILE B 101 -0.75 8.22 30.08
C ILE B 101 -1.12 9.42 30.94
N LYS B 102 -1.92 9.20 31.98
CA LYS B 102 -2.34 10.28 32.88
C LYS B 102 -1.20 10.67 33.84
N PHE B 103 0.02 10.28 33.48
CA PHE B 103 1.21 10.83 34.10
C PHE B 103 1.97 11.72 33.10
N LYS B 104 2.20 11.21 31.89
CA LYS B 104 2.85 12.01 30.84
C LYS B 104 2.04 13.27 30.50
N LYS B 105 0.72 13.15 30.55
CA LYS B 105 -0.17 14.27 30.25
C LYS B 105 -0.27 15.23 31.44
N ASN B 106 0.27 14.82 32.59
CA ASN B 106 0.25 15.65 33.81
C ASN B 106 1.35 16.72 33.85
N GLU B 107 2.41 16.51 33.07
CA GLU B 107 3.55 17.44 33.07
C GLU B 107 3.26 18.73 32.29
N PHE B 108 2.19 18.71 31.49
CA PHE B 108 1.80 19.88 30.70
C PHE B 108 0.70 20.67 31.41
N ARG B 109 1.06 21.84 31.92
CA ARG B 109 0.12 22.71 32.62
C ARG B 109 0.38 24.13 32.12
N LYS B 110 0.63 24.22 30.81
CA LYS B 110 1.07 25.44 30.16
C LYS B 110 0.46 25.54 28.76
N GLN C 11 -6.65 -41.05 -15.70
CA GLN C 11 -6.18 -40.14 -14.65
C GLN C 11 -7.31 -39.36 -13.96
N ASN C 12 -7.43 -39.53 -12.64
CA ASN C 12 -8.26 -38.63 -11.84
C ASN C 12 -7.28 -37.76 -11.08
N CYS C 13 -6.55 -36.94 -11.83
CA CYS C 13 -5.41 -36.23 -11.29
C CYS C 13 -5.71 -34.78 -10.94
N LEU C 14 -6.89 -34.32 -11.33
CA LEU C 14 -7.16 -32.89 -11.31
C LEU C 14 -8.07 -32.45 -10.18
N ILE C 15 -7.80 -31.27 -9.62
CA ILE C 15 -8.81 -30.59 -8.82
C ILE C 15 -8.78 -29.16 -9.32
N LYS C 16 -9.89 -28.43 -9.16
CA LYS C 16 -9.92 -27.02 -9.58
C LYS C 16 -10.31 -26.10 -8.44
N ILE C 17 -9.53 -25.04 -8.22
CA ILE C 17 -9.88 -24.07 -7.18
C ILE C 17 -10.56 -22.90 -7.84
N ILE C 18 -11.71 -22.48 -7.32
CA ILE C 18 -12.46 -21.34 -7.88
C ILE C 18 -12.85 -20.33 -6.81
N ASN C 19 -13.43 -19.21 -7.27
CA ASN C 19 -13.78 -18.05 -6.43
C ASN C 19 -12.57 -17.45 -5.78
N ILE C 20 -11.44 -17.51 -6.50
CA ILE C 20 -10.20 -16.99 -5.98
C ILE C 20 -10.25 -15.47 -6.08
N PRO C 21 -10.09 -14.77 -4.95
CA PRO C 21 -10.21 -13.31 -4.91
C PRO C 21 -9.39 -12.69 -6.05
N GLN C 22 -9.93 -11.66 -6.69
CA GLN C 22 -9.25 -10.99 -7.79
C GLN C 22 -7.83 -10.51 -7.39
N GLY C 23 -6.92 -10.55 -8.36
CA GLY C 23 -5.57 -10.09 -8.18
C GLY C 23 -4.63 -10.97 -7.35
N THR C 24 -5.10 -12.15 -6.96
CA THR C 24 -4.27 -13.15 -6.27
C THR C 24 -3.08 -13.56 -7.14
N LEU C 25 -1.89 -13.66 -6.56
CA LEU C 25 -0.72 -14.11 -7.32
C LEU C 25 -0.69 -15.64 -7.39
N LYS C 26 -0.12 -16.17 -8.47
CA LYS C 26 0.11 -17.61 -8.57
C LYS C 26 0.80 -18.14 -7.31
N ALA C 27 1.77 -17.39 -6.79
CA ALA C 27 2.50 -17.85 -5.62
C ALA C 27 1.62 -18.06 -4.36
N GLU C 28 0.56 -17.27 -4.23
CA GLU C 28 -0.27 -17.35 -3.04
C GLU C 28 -1.10 -18.61 -3.09
N VAL C 29 -1.56 -18.92 -4.30
CA VAL C 29 -2.22 -20.17 -4.60
C VAL C 29 -1.29 -21.35 -4.32
N VAL C 30 -0.11 -21.34 -4.96
CA VAL C 30 0.88 -22.43 -4.82
C VAL C 30 1.14 -22.71 -3.34
N LEU C 31 1.39 -21.65 -2.58
CA LEU C 31 1.68 -21.84 -1.16
C LEU C 31 0.49 -22.41 -0.42
N ALA C 32 -0.74 -22.01 -0.76
CA ALA C 32 -1.90 -22.61 -0.08
C ALA C 32 -1.98 -24.11 -0.33
N VAL C 33 -1.86 -24.50 -1.60
CA VAL C 33 -1.85 -25.91 -1.96
C VAL C 33 -0.71 -26.73 -1.33
N ARG C 34 0.47 -26.15 -1.12
CA ARG C 34 1.59 -26.88 -0.51
C ARG C 34 1.29 -27.50 0.84
N HIS C 35 0.36 -26.90 1.57
CA HIS C 35 -0.03 -27.46 2.87
C HIS C 35 -0.69 -28.86 2.78
N LEU C 36 -1.24 -29.23 1.62
CA LEU C 36 -1.85 -30.57 1.48
C LEU C 36 -0.77 -31.65 1.54
N GLY C 37 0.45 -31.29 1.15
CA GLY C 37 1.62 -32.14 1.34
C GLY C 37 2.01 -33.03 0.17
N TYR C 38 1.58 -32.66 -1.03
CA TYR C 38 1.85 -33.48 -2.21
C TYR C 38 2.34 -32.60 -3.34
N GLU C 39 3.24 -33.14 -4.15
CA GLU C 39 3.78 -32.38 -5.24
C GLU C 39 2.72 -32.22 -6.30
N PHE C 40 2.71 -31.05 -6.92
CA PHE C 40 1.68 -30.72 -7.89
C PHE C 40 2.20 -29.74 -8.93
N TYR C 41 1.42 -29.55 -9.99
CA TYR C 41 1.63 -28.45 -10.91
C TYR C 41 0.41 -27.53 -10.77
N CYS C 42 0.62 -26.23 -10.95
CA CYS C 42 -0.46 -25.24 -10.82
C CYS C 42 -0.63 -24.34 -12.03
N ASP C 43 -1.81 -24.35 -12.64
CA ASP C 43 -2.04 -23.42 -13.75
C ASP C 43 -3.11 -22.41 -13.37
N TYR C 44 -2.71 -21.15 -13.26
CA TYR C 44 -3.56 -20.10 -12.68
C TYR C 44 -3.83 -18.95 -13.65
N ILE C 45 -5.11 -18.61 -13.81
CA ILE C 45 -5.51 -17.56 -14.75
C ILE C 45 -6.53 -16.55 -14.18
N ASP C 46 -7.81 -16.87 -14.32
CA ASP C 46 -8.87 -15.90 -14.06
C ASP C 46 -9.68 -16.25 -12.80
N GLY C 47 -9.09 -15.97 -11.64
CA GLY C 47 -9.69 -16.37 -10.38
C GLY C 47 -9.84 -17.88 -10.28
N GLN C 48 -9.14 -18.58 -11.16
CA GLN C 48 -9.27 -20.02 -11.33
C GLN C 48 -7.91 -20.72 -11.46
N ALA C 49 -7.67 -21.70 -10.60
CA ALA C 49 -6.47 -22.50 -10.72
C ALA C 49 -6.83 -23.95 -10.93
N MET C 50 -6.12 -24.58 -11.86
CA MET C 50 -6.19 -26.01 -12.06
C MET C 50 -4.96 -26.65 -11.43
N ILE C 51 -5.21 -27.60 -10.53
CA ILE C 51 -4.16 -28.26 -9.77
C ILE C 51 -4.02 -29.69 -10.25
N ARG C 52 -2.80 -30.04 -10.72
CA ARG C 52 -2.50 -31.40 -11.15
C ARG C 52 -1.60 -32.14 -10.16
N PHE C 53 -2.11 -33.20 -9.54
CA PHE C 53 -1.28 -34.07 -8.70
C PHE C 53 -0.69 -35.18 -9.55
N GLN C 54 0.28 -35.90 -8.99
CA GLN C 54 1.05 -36.85 -9.81
C GLN C 54 0.34 -38.16 -10.18
N ASN C 55 -0.72 -38.51 -9.45
CA ASN C 55 -1.61 -39.61 -9.80
C ASN C 55 -2.88 -39.61 -8.97
N SER C 56 -3.79 -40.52 -9.29
CA SER C 56 -5.08 -40.63 -8.60
C SER C 56 -4.98 -40.72 -7.07
N ASP C 57 -4.12 -41.61 -6.58
CA ASP C 57 -3.93 -41.80 -5.15
C ASP C 57 -3.66 -40.49 -4.43
N GLU C 58 -2.77 -39.70 -4.99
CA GLU C 58 -2.33 -38.50 -4.29
C GLU C 58 -3.35 -37.39 -4.37
N GLN C 59 -4.06 -37.32 -5.49
CA GLN C 59 -5.15 -36.38 -5.62
C GLN C 59 -6.20 -36.68 -4.56
N ARG C 60 -6.59 -37.95 -4.46
CA ARG C 60 -7.56 -38.37 -3.44
C ARG C 60 -7.05 -38.11 -2.01
N LEU C 61 -5.76 -38.26 -1.80
CA LEU C 61 -5.18 -38.03 -0.49
C LEU C 61 -5.11 -36.54 -0.12
N ALA C 62 -4.98 -35.69 -1.13
CA ALA C 62 -4.99 -34.23 -0.92
C ALA C 62 -6.40 -33.77 -0.63
N ILE C 63 -7.35 -34.25 -1.43
CA ILE C 63 -8.77 -33.96 -1.16
C ILE C 63 -9.14 -34.41 0.27
N GLN C 64 -8.58 -35.53 0.72
CA GLN C 64 -8.85 -36.00 2.09
C GLN C 64 -8.17 -35.14 3.16
N LYS C 65 -7.10 -34.43 2.79
CA LYS C 65 -6.44 -33.53 3.73
C LYS C 65 -7.22 -32.20 3.77
N LEU C 66 -7.63 -31.72 2.59
CA LEU C 66 -8.49 -30.54 2.47
C LEU C 66 -9.72 -30.73 3.33
N LEU C 67 -10.21 -31.97 3.39
CA LEU C 67 -11.38 -32.30 4.19
C LEU C 67 -11.07 -32.33 5.69
N ASN C 68 -9.86 -32.75 6.07
CA ASN C 68 -9.46 -32.79 7.48
C ASN C 68 -9.07 -31.43 8.08
N HIS C 69 -8.73 -30.45 7.25
CA HIS C 69 -8.31 -29.14 7.73
C HIS C 69 -9.40 -28.07 7.57
N ASN C 70 -10.57 -28.50 7.07
CA ASN C 70 -11.63 -27.55 6.72
C ASN C 70 -13.05 -28.06 6.98
N ASN C 71 -13.29 -28.66 8.14
CA ASN C 71 -14.64 -29.02 8.56
C ASN C 71 -15.39 -29.89 7.56
N ASN C 72 -14.67 -30.71 6.82
CA ASN C 72 -15.27 -31.64 5.86
C ASN C 72 -16.06 -30.99 4.71
N LYS C 73 -15.65 -29.80 4.28
CA LYS C 73 -16.18 -29.19 3.07
C LYS C 73 -15.07 -29.12 2.01
N LEU C 74 -15.43 -29.09 0.73
CA LEU C 74 -14.40 -28.90 -0.28
C LEU C 74 -13.99 -27.43 -0.40
N GLN C 75 -13.06 -27.02 0.47
CA GLN C 75 -12.66 -25.63 0.55
C GLN C 75 -11.16 -25.49 0.77
N ILE C 76 -10.58 -24.39 0.32
CA ILE C 76 -9.21 -24.03 0.66
C ILE C 76 -9.09 -22.53 0.92
N GLU C 77 -8.31 -22.14 1.92
CA GLU C 77 -8.17 -20.74 2.28
C GLU C 77 -6.96 -20.07 1.60
N ILE C 78 -7.25 -19.03 0.81
CA ILE C 78 -6.26 -18.31 0.03
C ILE C 78 -6.45 -16.81 0.29
N ARG C 79 -5.40 -16.15 0.74
CA ARG C 79 -5.47 -14.73 1.08
C ARG C 79 -6.54 -14.42 2.12
N GLY C 80 -6.71 -15.35 3.06
CA GLY C 80 -7.67 -15.17 4.14
C GLY C 80 -9.09 -15.55 3.76
N GLN C 81 -9.39 -15.61 2.47
CA GLN C 81 -10.73 -15.95 2.02
C GLN C 81 -10.97 -17.44 1.72
N ILE C 82 -12.18 -17.89 1.97
CA ILE C 82 -12.56 -19.27 1.66
C ILE C 82 -12.85 -19.44 0.18
N CYS C 83 -12.11 -20.34 -0.47
CA CYS C 83 -12.27 -20.62 -1.90
C CYS C 83 -12.76 -22.04 -2.12
N ASP C 84 -13.51 -22.26 -3.19
CA ASP C 84 -14.14 -23.56 -3.38
C ASP C 84 -13.31 -24.50 -4.23
N VAL C 85 -13.36 -25.79 -3.90
CA VAL C 85 -12.65 -26.81 -4.65
C VAL C 85 -13.61 -27.75 -5.38
N ILE C 86 -13.35 -27.95 -6.66
CA ILE C 86 -14.12 -28.81 -7.51
C ILE C 86 -13.27 -30.05 -7.87
N SER C 87 -13.64 -31.20 -7.31
CA SER C 87 -12.87 -32.45 -7.43
C SER C 87 -13.16 -33.31 -8.66
N THR C 88 -14.20 -32.95 -9.39
CA THR C 88 -14.56 -33.68 -10.59
C THR C 88 -14.58 -32.73 -11.78
N ILE C 89 -13.60 -32.87 -12.67
CA ILE C 89 -13.54 -31.92 -13.78
C ILE C 89 -14.35 -32.43 -14.96
N PRO C 90 -15.27 -31.61 -15.47
CA PRO C 90 -16.02 -31.89 -16.69
C PRO C 90 -15.09 -32.33 -17.82
N GLU C 91 -15.38 -33.49 -18.43
CA GLU C 91 -14.48 -34.14 -19.39
C GLU C 91 -13.95 -33.19 -20.48
N ASP C 92 -14.82 -32.28 -20.90
CA ASP C 92 -14.48 -31.30 -21.94
C ASP C 92 -13.36 -30.41 -21.44
N GLU C 93 -13.58 -29.85 -20.27
CA GLU C 93 -12.61 -28.97 -19.63
C GLU C 93 -11.29 -29.70 -19.36
N GLU C 94 -11.37 -30.96 -18.93
CA GLU C 94 -10.17 -31.74 -18.62
C GLU C 94 -9.33 -32.06 -19.86
N LYS C 95 -9.94 -32.62 -20.89
CA LYS C 95 -9.20 -32.89 -22.11
C LYS C 95 -8.64 -31.59 -22.69
N ASN C 96 -9.41 -30.53 -22.58
CA ASN C 96 -8.96 -29.20 -23.03
C ASN C 96 -7.71 -28.76 -22.29
N TYR C 97 -7.72 -28.90 -20.97
CA TYR C 97 -6.58 -28.57 -20.11
C TYR C 97 -5.36 -29.35 -20.56
N TRP C 98 -5.53 -30.65 -20.74
CA TRP C 98 -4.45 -31.50 -21.23
C TRP C 98 -3.84 -30.98 -22.54
N ASN C 99 -4.70 -30.52 -23.44
CA ASN C 99 -4.24 -29.88 -24.66
C ASN C 99 -3.50 -28.55 -24.46
N TYR C 100 -3.95 -27.75 -23.48
CA TYR C 100 -3.18 -26.57 -23.11
C TYR C 100 -1.78 -27.03 -22.75
N ILE C 101 -1.70 -28.13 -22.02
CA ILE C 101 -0.40 -28.65 -21.57
C ILE C 101 0.50 -29.10 -22.73
N LYS C 102 -0.10 -29.74 -23.74
CA LYS C 102 0.63 -30.07 -24.97
C LYS C 102 1.14 -28.81 -25.70
N PHE C 103 0.30 -27.79 -25.83
CA PHE C 103 0.72 -26.51 -26.39
C PHE C 103 1.90 -25.86 -25.64
N LYS C 104 1.74 -25.65 -24.33
CA LYS C 104 2.72 -24.96 -23.50
C LYS C 104 4.01 -25.75 -23.29
N LYS C 105 3.96 -27.07 -23.48
CA LYS C 105 5.14 -27.94 -23.39
C LYS C 105 6.30 -27.52 -24.33
N ASN C 106 5.96 -27.16 -25.57
CA ASN C 106 6.95 -26.68 -26.54
C ASN C 106 6.74 -25.23 -26.99
N GLU C 107 7.44 -24.31 -26.34
CA GLU C 107 7.33 -22.89 -26.63
C GLU C 107 8.68 -22.24 -26.33
N PHE C 108 9.23 -22.58 -25.17
CA PHE C 108 10.53 -22.08 -24.73
C PHE C 108 11.51 -23.25 -24.56
N ARG C 109 12.73 -23.10 -25.07
CA ARG C 109 13.83 -24.03 -24.79
C ARG C 109 15.14 -23.50 -25.37
N ASN D 12 -10.95 22.89 -11.47
CA ASN D 12 -11.88 24.03 -11.38
C ASN D 12 -12.72 24.03 -10.09
N CYS D 13 -14.03 23.77 -10.21
CA CYS D 13 -14.95 23.96 -9.09
C CYS D 13 -15.76 22.72 -8.67
N LEU D 14 -15.63 21.64 -9.43
CA LEU D 14 -16.38 20.43 -9.12
C LEU D 14 -15.63 19.39 -8.26
N ILE D 15 -16.38 18.74 -7.38
CA ILE D 15 -15.98 17.46 -6.81
C ILE D 15 -17.14 16.48 -7.01
N LYS D 16 -16.89 15.20 -6.83
CA LYS D 16 -17.92 14.23 -7.13
C LYS D 16 -17.97 13.28 -5.96
N ILE D 17 -19.15 13.10 -5.36
CA ILE D 17 -19.26 12.12 -4.29
C ILE D 17 -19.81 10.84 -4.87
N ILE D 18 -19.21 9.71 -4.48
CA ILE D 18 -19.59 8.39 -4.96
C ILE D 18 -19.66 7.31 -3.88
N ASN D 19 -20.27 6.18 -4.26
CA ASN D 19 -20.60 5.08 -3.36
C ASN D 19 -21.52 5.53 -2.24
N ILE D 20 -22.42 6.43 -2.60
CA ILE D 20 -23.53 6.86 -1.76
C ILE D 20 -24.56 5.73 -1.70
N PRO D 21 -24.95 5.32 -0.48
CA PRO D 21 -25.97 4.28 -0.21
C PRO D 21 -27.24 4.45 -1.04
N GLN D 22 -27.73 3.35 -1.60
CA GLN D 22 -29.01 3.32 -2.33
C GLN D 22 -30.10 4.07 -1.56
N GLY D 23 -30.89 4.85 -2.29
CA GLY D 23 -32.03 5.54 -1.73
C GLY D 23 -31.77 6.74 -0.84
N THR D 24 -30.57 7.31 -0.95
CA THR D 24 -30.21 8.48 -0.16
C THR D 24 -30.84 9.65 -0.86
N LEU D 25 -31.44 10.56 -0.11
CA LEU D 25 -32.07 11.74 -0.71
C LEU D 25 -31.10 12.91 -0.96
N LYS D 26 -31.36 13.69 -2.01
CA LYS D 26 -30.55 14.87 -2.33
C LYS D 26 -30.24 15.67 -1.07
N ALA D 27 -31.25 15.85 -0.25
CA ALA D 27 -31.10 16.62 0.97
C ALA D 27 -30.16 16.00 1.99
N GLU D 28 -30.07 14.67 2.05
CA GLU D 28 -29.14 14.06 3.02
C GLU D 28 -27.68 14.35 2.62
N VAL D 29 -27.46 14.36 1.31
CA VAL D 29 -26.18 14.74 0.72
C VAL D 29 -25.82 16.19 1.02
N VAL D 30 -26.71 17.10 0.61
CA VAL D 30 -26.66 18.54 0.91
C VAL D 30 -26.36 18.84 2.38
N LEU D 31 -27.14 18.27 3.29
CA LEU D 31 -26.89 18.48 4.72
C LEU D 31 -25.48 18.01 5.14
N ALA D 32 -25.02 16.87 4.61
CA ALA D 32 -23.68 16.44 4.97
C ALA D 32 -22.62 17.43 4.43
N VAL D 33 -22.79 17.89 3.19
CA VAL D 33 -21.86 18.82 2.55
C VAL D 33 -21.86 20.26 3.14
N ARG D 34 -22.94 20.68 3.79
CA ARG D 34 -22.97 22.03 4.36
C ARG D 34 -22.03 22.22 5.53
N HIS D 35 -21.63 21.11 6.17
CA HIS D 35 -20.72 21.16 7.31
C HIS D 35 -19.33 21.63 6.90
N LEU D 36 -19.05 21.65 5.60
CA LEU D 36 -17.76 22.11 5.12
C LEU D 36 -17.68 23.63 5.26
N GLY D 37 -18.83 24.27 5.26
CA GLY D 37 -18.91 25.69 5.55
C GLY D 37 -19.19 26.57 4.36
N TYR D 38 -18.95 26.02 3.17
CA TYR D 38 -19.03 26.79 1.95
C TYR D 38 -20.37 26.70 1.29
N GLU D 39 -20.54 27.45 0.21
CA GLU D 39 -21.74 27.41 -0.60
C GLU D 39 -21.48 26.50 -1.78
N PHE D 40 -22.54 25.88 -2.29
CA PHE D 40 -22.40 24.91 -3.37
C PHE D 40 -23.73 24.55 -3.96
N TYR D 41 -23.69 24.10 -5.21
CA TYR D 41 -24.83 23.52 -5.90
C TYR D 41 -24.66 21.99 -6.05
N CYS D 42 -25.60 21.23 -5.48
CA CYS D 42 -25.53 19.76 -5.49
C CYS D 42 -26.44 19.10 -6.53
N ASP D 43 -25.88 18.36 -7.47
CA ASP D 43 -26.69 17.70 -8.50
C ASP D 43 -26.32 16.23 -8.75
N TYR D 44 -27.29 15.38 -8.45
CA TYR D 44 -27.21 13.94 -8.59
C TYR D 44 -27.13 13.45 -10.03
N ILE D 45 -25.91 13.31 -10.56
CA ILE D 45 -25.76 12.65 -11.86
C ILE D 45 -25.51 11.15 -11.67
N ASP D 46 -26.34 10.33 -12.30
CA ASP D 46 -26.47 8.91 -11.96
C ASP D 46 -26.89 8.77 -10.49
N GLY D 47 -26.02 8.17 -9.69
CA GLY D 47 -26.23 8.06 -8.25
C GLY D 47 -25.02 8.66 -7.56
N GLN D 48 -24.47 9.65 -8.23
CA GLN D 48 -23.26 10.30 -7.78
C GLN D 48 -23.54 11.79 -7.61
N ALA D 49 -23.23 12.34 -6.45
CA ALA D 49 -23.63 13.73 -6.24
C ALA D 49 -22.52 14.64 -6.72
N MET D 50 -22.79 15.38 -7.78
CA MET D 50 -21.79 16.30 -8.29
C MET D 50 -21.94 17.64 -7.58
N ILE D 51 -20.90 18.03 -6.86
CA ILE D 51 -20.93 19.19 -6.00
C ILE D 51 -20.17 20.29 -6.69
N ARG D 52 -20.81 21.44 -6.92
CA ARG D 52 -20.13 22.62 -7.49
C ARG D 52 -19.93 23.76 -6.51
N PHE D 53 -18.69 24.08 -6.19
CA PHE D 53 -18.39 25.16 -5.27
C PHE D 53 -18.37 26.48 -6.01
N GLN D 54 -18.21 27.59 -5.28
CA GLN D 54 -18.40 28.90 -5.92
C GLN D 54 -17.12 29.55 -6.47
N ASN D 55 -15.99 29.15 -5.93
CA ASN D 55 -14.70 29.47 -6.54
C ASN D 55 -13.71 28.32 -6.26
N SER D 56 -12.70 28.19 -7.12
CA SER D 56 -11.75 27.07 -7.02
C SER D 56 -11.04 26.99 -5.65
N ASP D 57 -10.89 28.16 -5.02
CA ASP D 57 -10.27 28.30 -3.70
C ASP D 57 -11.09 27.60 -2.61
N GLU D 58 -12.40 27.89 -2.58
CA GLU D 58 -13.30 27.23 -1.65
C GLU D 58 -13.41 25.74 -1.96
N GLN D 59 -13.34 25.38 -3.23
CA GLN D 59 -13.24 23.98 -3.62
C GLN D 59 -12.04 23.31 -2.93
N ARG D 60 -10.87 23.96 -3.03
CA ARG D 60 -9.67 23.46 -2.36
C ARG D 60 -9.86 23.32 -0.86
N LEU D 61 -10.39 24.36 -0.23
CA LEU D 61 -10.59 24.34 1.22
C LEU D 61 -11.49 23.19 1.65
N ALA D 62 -12.46 22.88 0.80
CA ALA D 62 -13.42 21.83 1.12
C ALA D 62 -12.75 20.46 0.95
N ILE D 63 -12.03 20.32 -0.15
CA ILE D 63 -11.27 19.10 -0.41
C ILE D 63 -10.36 18.81 0.77
N GLN D 64 -9.66 19.83 1.24
CA GLN D 64 -8.77 19.71 2.39
C GLN D 64 -9.51 19.36 3.69
N LYS D 65 -10.71 19.88 3.86
CA LYS D 65 -11.51 19.48 5.01
C LYS D 65 -11.92 17.99 4.92
N LEU D 66 -12.00 17.44 3.72
CA LEU D 66 -12.52 16.08 3.59
C LEU D 66 -11.42 15.02 3.77
N LEU D 67 -10.17 15.46 3.78
CA LEU D 67 -9.03 14.55 3.83
C LEU D 67 -8.97 13.78 5.13
N ASN D 68 -8.93 12.47 5.04
CA ASN D 68 -8.73 11.63 6.20
C ASN D 68 -7.24 11.51 6.42
N HIS D 69 -6.75 12.13 7.49
CA HIS D 69 -5.31 12.32 7.63
C HIS D 69 -4.62 11.05 8.05
CA ASN D 70 -4.24 8.18 8.85
C ASN D 70 -4.31 7.75 7.39
N ASN D 71 -5.47 7.66 6.78
CA ASN D 71 -5.49 6.86 5.54
C ASN D 71 -5.27 7.60 4.24
N ASN D 72 -5.18 8.94 4.33
CA ASN D 72 -4.97 9.78 3.15
C ASN D 72 -6.09 9.76 2.11
N LYS D 73 -7.26 9.25 2.48
CA LYS D 73 -8.39 9.12 1.56
C LYS D 73 -9.34 10.31 1.66
N LEU D 74 -10.02 10.66 0.58
CA LEU D 74 -11.06 11.70 0.69
C LEU D 74 -12.42 11.07 1.08
N GLN D 75 -12.93 11.42 2.24
CA GLN D 75 -14.14 10.79 2.74
C GLN D 75 -15.18 11.79 3.21
N ILE D 76 -16.44 11.47 2.97
CA ILE D 76 -17.51 12.20 3.63
C ILE D 76 -18.55 11.22 4.13
N GLU D 77 -18.97 11.39 5.38
CA GLU D 77 -20.03 10.55 5.95
C GLU D 77 -21.43 11.08 5.59
N ILE D 78 -22.23 10.18 5.02
CA ILE D 78 -23.63 10.43 4.68
C ILE D 78 -24.45 9.24 5.18
N ARG D 79 -25.54 9.52 5.92
CA ARG D 79 -26.30 8.44 6.59
C ARG D 79 -25.41 7.49 7.40
N GLY D 80 -24.28 7.97 7.92
CA GLY D 80 -23.41 7.15 8.74
C GLY D 80 -22.55 6.13 8.01
N GLN D 81 -22.52 6.19 6.68
CA GLN D 81 -21.59 5.42 5.86
C GLN D 81 -20.52 6.32 5.24
N ILE D 82 -19.26 5.89 5.27
CA ILE D 82 -18.20 6.63 4.60
C ILE D 82 -18.37 6.57 3.08
N CYS D 83 -18.50 7.73 2.44
CA CYS D 83 -18.54 7.83 1.00
C CYS D 83 -17.24 8.36 0.44
N ASP D 84 -16.98 8.04 -0.83
CA ASP D 84 -15.71 8.40 -1.42
C ASP D 84 -15.87 9.69 -2.21
N VAL D 85 -14.81 10.51 -2.24
CA VAL D 85 -14.83 11.74 -2.99
C VAL D 85 -13.76 11.77 -4.05
N ILE D 86 -14.16 12.05 -5.28
CA ILE D 86 -13.25 12.31 -6.39
C ILE D 86 -13.09 13.83 -6.50
N SER D 87 -11.85 14.31 -6.42
CA SER D 87 -11.63 15.76 -6.33
C SER D 87 -11.23 16.43 -7.64
N THR D 88 -10.97 15.63 -8.66
CA THR D 88 -10.57 16.17 -9.96
C THR D 88 -11.52 15.68 -11.02
N ILE D 89 -12.20 16.62 -11.67
CA ILE D 89 -13.15 16.32 -12.74
C ILE D 89 -12.58 16.72 -14.09
N PRO D 90 -12.38 15.75 -14.99
CA PRO D 90 -11.86 16.00 -16.35
C PRO D 90 -12.72 16.96 -17.16
N GLU D 91 -12.20 17.45 -18.29
CA GLU D 91 -12.94 18.43 -19.10
C GLU D 91 -14.30 17.90 -19.59
N ASP D 92 -14.31 16.67 -20.10
CA ASP D 92 -15.52 16.08 -20.68
C ASP D 92 -16.63 15.85 -19.65
N GLU D 93 -16.26 15.30 -18.49
CA GLU D 93 -17.22 15.11 -17.40
C GLU D 93 -17.81 16.45 -16.98
N GLU D 94 -16.96 17.48 -16.91
CA GLU D 94 -17.40 18.85 -16.62
C GLU D 94 -18.41 19.36 -17.67
N LYS D 95 -18.16 19.01 -18.94
CA LYS D 95 -19.10 19.36 -20.01
C LYS D 95 -20.46 18.68 -19.78
N ASN D 96 -20.43 17.37 -19.51
CA ASN D 96 -21.65 16.63 -19.13
C ASN D 96 -22.43 17.34 -18.03
N TYR D 97 -21.71 17.75 -16.98
CA TYR D 97 -22.35 18.44 -15.85
C TYR D 97 -23.03 19.73 -16.28
N TRP D 98 -22.33 20.55 -17.04
CA TRP D 98 -22.91 21.83 -17.45
C TRP D 98 -24.12 21.64 -18.38
N ASN D 99 -24.04 20.61 -19.22
CA ASN D 99 -25.16 20.24 -20.08
C ASN D 99 -26.40 19.91 -19.26
N TYR D 100 -26.26 18.98 -18.33
CA TYR D 100 -27.35 18.60 -17.44
C TYR D 100 -27.90 19.80 -16.67
N ILE D 101 -27.00 20.71 -16.25
CA ILE D 101 -27.43 21.91 -15.53
C ILE D 101 -28.30 22.79 -16.43
N LYS D 102 -27.94 22.90 -17.71
CA LYS D 102 -28.75 23.70 -18.63
C LYS D 102 -30.08 23.00 -18.96
N PHE D 103 -30.07 21.67 -18.91
CA PHE D 103 -31.30 20.88 -19.08
C PHE D 103 -32.29 21.02 -17.92
N LYS D 104 -31.78 21.17 -16.69
CA LYS D 104 -32.67 21.35 -15.52
C LYS D 104 -33.28 22.76 -15.38
N LYS D 105 -32.48 23.80 -15.65
CA LYS D 105 -32.97 25.18 -15.56
C LYS D 105 -33.78 25.58 -16.79
N ASN D 106 -33.97 24.63 -17.72
CA ASN D 106 -34.69 24.88 -18.97
C ASN D 106 -36.20 25.07 -18.79
N GLU D 107 -36.80 24.23 -17.95
CA GLU D 107 -38.24 24.31 -17.73
C GLU D 107 -38.60 25.43 -16.77
N PHE D 108 -37.59 26.07 -16.20
CA PHE D 108 -37.79 27.24 -15.34
C PHE D 108 -37.46 28.53 -16.09
N ARG D 109 -37.44 28.46 -17.42
CA ARG D 109 -37.14 29.63 -18.24
C ARG D 109 -38.32 30.61 -18.26
N LYS D 110 -39.53 30.07 -18.18
CA LYS D 110 -40.74 30.88 -18.00
C LYS D 110 -41.01 30.92 -16.51
N PHE D 111 -41.86 31.85 -16.06
CA PHE D 111 -42.09 32.07 -14.62
C PHE D 111 -40.81 32.12 -13.78
N ASN E 12 32.47 -15.83 -18.42
CA ASN E 12 31.62 -14.65 -18.60
C ASN E 12 30.58 -14.44 -17.50
N CYS E 13 29.35 -14.15 -17.90
CA CYS E 13 28.35 -13.58 -17.01
C CYS E 13 27.41 -14.53 -16.29
N LEU E 14 27.42 -15.82 -16.66
CA LEU E 14 26.36 -16.76 -16.24
C LEU E 14 26.75 -17.86 -15.26
N ILE E 15 25.87 -18.12 -14.31
CA ILE E 15 25.88 -19.39 -13.61
C ILE E 15 24.51 -20.04 -13.80
N LYS E 16 24.44 -21.36 -13.66
CA LYS E 16 23.16 -22.05 -13.81
C LYS E 16 22.92 -22.90 -12.58
N ILE E 17 21.81 -22.66 -11.90
CA ILE E 17 21.41 -23.45 -10.74
C ILE E 17 20.56 -24.64 -11.21
N ILE E 18 20.89 -25.84 -10.71
CA ILE E 18 20.14 -27.06 -11.05
C ILE E 18 19.72 -27.89 -9.84
N ASN E 19 18.90 -28.91 -10.12
CA ASN E 19 18.27 -29.77 -9.13
C ASN E 19 17.41 -28.98 -8.16
N ILE E 20 16.68 -28.01 -8.70
CA ILE E 20 15.75 -27.20 -7.93
C ILE E 20 14.45 -28.01 -7.76
N PRO E 21 14.00 -28.17 -6.50
CA PRO E 21 12.81 -28.94 -6.13
C PRO E 21 11.60 -28.64 -7.01
N GLN E 22 10.82 -29.69 -7.29
CA GLN E 22 9.63 -29.61 -8.12
C GLN E 22 8.71 -28.48 -7.64
N GLY E 23 8.24 -27.66 -8.58
CA GLY E 23 7.28 -26.61 -8.25
C GLY E 23 7.78 -25.50 -7.32
N THR E 24 9.04 -25.11 -7.46
CA THR E 24 9.57 -24.00 -6.69
C THR E 24 9.25 -22.73 -7.45
N LEU E 25 8.86 -21.67 -6.74
CA LEU E 25 8.52 -20.41 -7.39
C LEU E 25 9.76 -19.65 -7.78
N LYS E 26 9.73 -19.01 -8.95
CA LYS E 26 10.78 -18.10 -9.37
C LYS E 26 11.14 -17.12 -8.24
N ALA E 27 10.15 -16.62 -7.53
CA ALA E 27 10.44 -15.69 -6.43
C ALA E 27 11.36 -16.32 -5.39
N GLU E 28 11.23 -17.62 -5.16
CA GLU E 28 12.03 -18.27 -4.13
C GLU E 28 13.48 -18.37 -4.57
N VAL E 29 13.68 -18.61 -5.87
CA VAL E 29 15.00 -18.68 -6.48
C VAL E 29 15.65 -17.31 -6.41
N VAL E 30 14.97 -16.31 -6.99
CA VAL E 30 15.38 -14.91 -6.91
C VAL E 30 15.82 -14.50 -5.50
N LEU E 31 14.99 -14.79 -4.49
CA LEU E 31 15.31 -14.37 -3.13
C LEU E 31 16.52 -15.11 -2.60
N ALA E 32 16.64 -16.39 -2.97
CA ALA E 32 17.82 -17.14 -2.55
C ALA E 32 19.09 -16.48 -3.09
N VAL E 33 19.10 -16.17 -4.39
CA VAL E 33 20.22 -15.50 -5.05
C VAL E 33 20.52 -14.06 -4.58
N ARG E 34 19.48 -13.30 -4.22
CA ARG E 34 19.68 -11.93 -3.70
C ARG E 34 20.67 -11.80 -2.54
N HIS E 35 20.82 -12.85 -1.73
CA HIS E 35 21.73 -12.83 -0.57
C HIS E 35 23.19 -12.68 -0.98
N LEU E 36 23.52 -13.14 -2.18
CA LEU E 36 24.88 -13.07 -2.69
C LEU E 36 25.35 -11.61 -2.80
N GLY E 37 24.42 -10.71 -3.10
CA GLY E 37 24.72 -9.29 -3.00
C GLY E 37 24.93 -8.53 -4.30
N TYR E 38 24.80 -9.20 -5.43
CA TYR E 38 25.01 -8.54 -6.70
C TYR E 38 23.72 -8.54 -7.54
N GLU E 39 23.61 -7.58 -8.44
CA GLU E 39 22.48 -7.50 -9.37
C GLU E 39 22.51 -8.60 -10.43
N PHE E 40 21.36 -9.23 -10.63
CA PHE E 40 21.21 -10.31 -11.59
C PHE E 40 19.83 -10.33 -12.25
N TYR E 41 19.78 -10.83 -13.48
CA TYR E 41 18.51 -11.23 -14.07
C TYR E 41 18.45 -12.75 -13.98
N CYS E 42 17.25 -13.28 -13.72
CA CYS E 42 17.07 -14.71 -13.51
C CYS E 42 16.07 -15.31 -14.50
N ASP E 43 16.45 -16.37 -15.17
CA ASP E 43 15.51 -17.01 -16.08
C ASP E 43 15.28 -18.47 -15.68
N TYR E 44 14.03 -18.79 -15.37
CA TYR E 44 13.70 -20.03 -14.68
C TYR E 44 12.82 -20.96 -15.53
N ILE E 45 13.40 -22.04 -16.06
CA ILE E 45 12.74 -22.88 -17.08
C ILE E 45 12.03 -24.14 -16.57
N ASP E 46 12.77 -25.10 -16.03
CA ASP E 46 12.18 -26.37 -15.58
C ASP E 46 12.98 -27.08 -14.50
N GLY E 47 13.00 -26.50 -13.29
CA GLY E 47 13.83 -27.02 -12.21
C GLY E 47 15.29 -26.56 -12.34
N GLN E 48 15.57 -25.81 -13.39
CA GLN E 48 16.87 -25.19 -13.61
C GLN E 48 16.71 -23.65 -13.69
N ALA E 49 17.74 -22.90 -13.32
CA ALA E 49 17.69 -21.43 -13.44
C ALA E 49 18.99 -20.85 -13.97
N MET E 50 18.91 -20.04 -15.02
CA MET E 50 20.07 -19.31 -15.52
C MET E 50 20.15 -17.93 -14.87
N ILE E 51 21.16 -17.76 -14.02
CA ILE E 51 21.41 -16.51 -13.28
C ILE E 51 22.47 -15.73 -14.02
N ARG E 52 22.16 -14.47 -14.33
CA ARG E 52 23.04 -13.65 -15.16
C ARG E 52 23.43 -12.34 -14.50
N PHE E 53 24.74 -12.17 -14.28
CA PHE E 53 25.28 -10.98 -13.60
C PHE E 53 25.75 -9.96 -14.62
N GLN E 54 26.01 -8.73 -14.17
CA GLN E 54 26.26 -7.65 -15.11
C GLN E 54 27.66 -7.66 -15.76
N ASN E 55 28.58 -8.47 -15.24
CA ASN E 55 29.95 -8.66 -15.80
C ASN E 55 30.72 -9.84 -15.17
N SER E 56 31.92 -10.13 -15.70
CA SER E 56 32.82 -11.17 -15.17
C SER E 56 33.10 -11.09 -13.66
N ASP E 57 33.47 -9.90 -13.19
CA ASP E 57 33.91 -9.71 -11.80
C ASP E 57 32.81 -10.16 -10.85
N GLU E 58 31.59 -9.75 -11.14
CA GLU E 58 30.48 -9.99 -10.24
C GLU E 58 30.00 -11.45 -10.27
N GLN E 59 30.18 -12.11 -11.41
CA GLN E 59 29.87 -13.53 -11.48
C GLN E 59 30.90 -14.31 -10.67
N ARG E 60 32.15 -13.87 -10.75
CA ARG E 60 33.21 -14.56 -10.00
C ARG E 60 33.09 -14.31 -8.50
N LEU E 61 32.72 -13.08 -8.13
CA LEU E 61 32.49 -12.71 -6.74
C LEU E 61 31.31 -13.44 -6.12
N ALA E 62 30.19 -13.49 -6.86
CA ALA E 62 29.01 -14.28 -6.48
C ALA E 62 29.32 -15.76 -6.31
N ILE E 63 30.03 -16.34 -7.28
CA ILE E 63 30.51 -17.71 -7.13
C ILE E 63 31.33 -17.87 -5.86
N GLN E 64 32.21 -16.90 -5.59
CA GLN E 64 33.08 -16.97 -4.43
C GLN E 64 32.27 -16.98 -3.13
N LYS E 65 31.31 -16.07 -3.02
CA LYS E 65 30.44 -16.05 -1.83
C LYS E 65 29.65 -17.36 -1.72
N LEU E 66 29.33 -17.97 -2.86
CA LEU E 66 28.62 -19.24 -2.84
C LEU E 66 29.49 -20.31 -2.20
N LEU E 67 30.62 -20.57 -2.85
CA LEU E 67 31.49 -21.73 -2.58
C LEU E 67 31.63 -22.11 -1.11
N ASN E 68 31.16 -23.32 -0.80
CA ASN E 68 31.23 -23.89 0.53
C ASN E 68 32.53 -24.66 0.67
N HIS E 69 33.52 -24.04 1.31
CA HIS E 69 34.87 -24.60 1.46
C HIS E 69 34.93 -25.70 2.50
N ASN E 70 33.76 -26.27 2.83
CA ASN E 70 33.68 -27.42 3.71
C ASN E 70 33.75 -28.69 2.87
N ASN E 71 33.04 -28.67 1.74
CA ASN E 71 32.99 -29.81 0.81
C ASN E 71 33.55 -29.47 -0.57
N ASN E 72 34.00 -28.22 -0.73
CA ASN E 72 34.58 -27.72 -1.98
C ASN E 72 33.59 -27.72 -3.15
N LYS E 73 32.40 -27.16 -2.94
CA LYS E 73 31.35 -27.19 -3.97
C LYS E 73 30.36 -26.02 -4.01
N LEU E 74 29.96 -25.67 -5.24
CA LEU E 74 29.00 -24.61 -5.51
C LEU E 74 27.57 -25.08 -5.28
N GLN E 75 26.99 -24.62 -4.19
CA GLN E 75 25.61 -24.96 -3.91
C GLN E 75 24.90 -23.80 -3.21
N ILE E 76 23.63 -23.60 -3.58
CA ILE E 76 22.83 -22.62 -2.88
C ILE E 76 21.57 -23.27 -2.30
N GLU E 77 21.18 -22.81 -1.11
CA GLU E 77 20.01 -23.32 -0.42
C GLU E 77 18.72 -22.67 -0.94
N ILE E 78 17.80 -23.49 -1.43
CA ILE E 78 16.47 -23.05 -1.85
C ILE E 78 15.41 -23.95 -1.23
N ARG E 79 14.51 -23.34 -0.43
CA ARG E 79 13.54 -24.11 0.36
C ARG E 79 14.17 -25.16 1.24
N GLY E 80 15.25 -24.80 1.92
CA GLY E 80 15.90 -25.69 2.87
C GLY E 80 16.51 -26.91 2.21
N GLN E 81 16.78 -26.81 0.92
CA GLN E 81 17.39 -27.92 0.18
C GLN E 81 18.63 -27.51 -0.60
N ILE E 82 19.60 -28.41 -0.68
CA ILE E 82 20.82 -28.14 -1.41
C ILE E 82 20.54 -28.15 -2.91
N CYS E 83 20.66 -27.00 -3.57
CA CYS E 83 20.66 -27.02 -5.03
C CYS E 83 22.06 -26.75 -5.54
N ASP E 84 22.38 -27.29 -6.71
CA ASP E 84 23.77 -27.27 -7.18
C ASP E 84 23.96 -26.16 -8.21
N VAL E 85 25.16 -25.61 -8.29
CA VAL E 85 25.41 -24.50 -9.20
C VAL E 85 26.57 -24.79 -10.15
N ILE E 86 26.36 -24.52 -11.44
CA ILE E 86 27.37 -24.70 -12.47
C ILE E 86 27.89 -23.35 -12.91
N SER E 87 29.20 -23.16 -12.87
CA SER E 87 29.84 -21.86 -13.18
C SER E 87 30.32 -21.77 -14.62
N THR E 88 30.42 -22.93 -15.26
CA THR E 88 30.86 -23.02 -16.64
C THR E 88 29.69 -23.47 -17.53
N ILE E 89 29.22 -22.56 -18.37
CA ILE E 89 28.07 -22.84 -19.23
C ILE E 89 28.49 -23.13 -20.67
N PRO E 90 28.25 -24.39 -21.12
CA PRO E 90 28.52 -24.89 -22.48
C PRO E 90 28.24 -23.85 -23.59
N GLU E 91 29.25 -23.58 -24.42
CA GLU E 91 29.20 -22.51 -25.42
C GLU E 91 27.92 -22.47 -26.25
N ASP E 92 27.43 -23.64 -26.66
CA ASP E 92 26.21 -23.70 -27.46
C ASP E 92 24.99 -23.21 -26.67
N GLU E 93 24.82 -23.75 -25.47
CA GLU E 93 23.70 -23.39 -24.60
C GLU E 93 23.76 -21.93 -24.20
N GLU E 94 24.98 -21.43 -24.02
CA GLU E 94 25.21 -20.03 -23.68
C GLU E 94 24.86 -19.12 -24.85
N LYS E 95 25.21 -19.55 -26.06
CA LYS E 95 24.80 -18.82 -27.26
C LYS E 95 23.29 -19.00 -27.44
N ASN E 96 22.76 -20.06 -26.83
CA ASN E 96 21.35 -20.39 -26.90
C ASN E 96 20.54 -19.69 -25.80
N TYR E 97 21.26 -18.93 -24.96
CA TYR E 97 20.62 -18.15 -23.91
C TYR E 97 20.42 -16.74 -24.42
N TRP E 98 21.44 -16.19 -25.06
CA TRP E 98 21.33 -14.86 -25.62
C TRP E 98 20.42 -14.90 -26.83
N ASN E 99 20.14 -16.12 -27.29
CA ASN E 99 19.06 -16.37 -28.23
C ASN E 99 17.70 -16.13 -27.54
N TYR E 100 17.38 -16.95 -26.53
CA TYR E 100 16.13 -16.83 -25.78
C TYR E 100 15.87 -15.40 -25.32
N ILE E 101 16.95 -14.64 -25.11
CA ILE E 101 16.84 -13.23 -24.79
C ILE E 101 16.58 -12.38 -26.04
N LYS E 102 17.34 -12.60 -27.11
CA LYS E 102 17.18 -11.83 -28.33
C LYS E 102 15.77 -11.94 -28.92
N PHE E 103 15.20 -13.14 -28.88
CA PHE E 103 13.84 -13.38 -29.35
C PHE E 103 12.82 -13.02 -28.28
N LYS E 104 13.23 -12.19 -27.32
CA LYS E 104 12.33 -11.70 -26.29
C LYS E 104 12.60 -10.23 -25.99
N LYS E 105 13.57 -9.66 -26.68
CA LYS E 105 13.87 -8.23 -26.55
C LYS E 105 12.99 -7.43 -27.52
N ASN E 106 13.08 -7.77 -28.80
CA ASN E 106 12.26 -7.15 -29.84
C ASN E 106 10.86 -7.73 -29.88
N GLU E 107 10.06 -7.40 -28.86
CA GLU E 107 8.70 -7.92 -28.72
C GLU E 107 7.75 -6.82 -28.28
N PHE E 108 8.31 -5.68 -27.92
CA PHE E 108 7.53 -4.60 -27.30
C PHE E 108 7.42 -3.38 -28.21
N ARG E 109 8.42 -3.21 -29.08
CA ARG E 109 8.45 -2.10 -30.02
C ARG E 109 7.33 -2.22 -31.05
N ASN F 12 8.38 37.95 23.44
CA ASN F 12 9.68 37.30 23.43
C ASN F 12 9.89 36.33 22.25
N CYS F 13 10.22 35.08 22.56
CA CYS F 13 10.72 34.14 21.56
C CYS F 13 9.80 32.94 21.30
N LEU F 14 8.63 32.94 21.91
CA LEU F 14 7.72 31.82 21.72
C LEU F 14 6.64 32.12 20.70
N ILE F 15 6.20 31.08 20.00
CA ILE F 15 4.87 31.10 19.39
C ILE F 15 4.27 29.77 19.80
N LYS F 16 2.95 29.65 19.75
CA LYS F 16 2.29 28.40 20.11
C LYS F 16 1.57 27.95 18.86
N ILE F 17 1.42 26.64 18.65
CA ILE F 17 0.62 26.13 17.52
C ILE F 17 -0.39 25.17 18.11
N ILE F 18 -1.65 25.30 17.70
CA ILE F 18 -2.71 24.50 18.28
C ILE F 18 -3.67 23.96 17.21
N ASN F 19 -4.56 23.07 17.67
CA ASN F 19 -5.53 22.40 16.81
C ASN F 19 -4.81 21.54 15.79
N ILE F 20 -3.69 20.99 16.21
CA ILE F 20 -2.89 20.11 15.38
C ILE F 20 -3.56 18.74 15.36
N PRO F 21 -3.72 18.15 14.16
CA PRO F 21 -4.33 16.81 14.10
C PRO F 21 -3.71 15.90 15.14
N GLN F 22 -4.56 15.18 15.87
CA GLN F 22 -4.08 14.32 16.94
C GLN F 22 -3.37 13.10 16.36
N GLY F 23 -2.35 12.64 17.07
CA GLY F 23 -1.50 11.60 16.55
C GLY F 23 -0.33 12.13 15.73
N THR F 24 -0.17 13.45 15.66
CA THR F 24 0.92 14.02 14.87
C THR F 24 2.24 13.78 15.59
N LEU F 25 3.28 13.41 14.86
CA LEU F 25 4.56 13.18 15.52
C LEU F 25 5.30 14.51 15.64
N LYS F 26 6.16 14.63 16.64
CA LYS F 26 6.98 15.83 16.82
C LYS F 26 7.72 16.18 15.54
N ALA F 27 8.23 15.16 14.87
CA ALA F 27 8.83 15.32 13.56
C ALA F 27 7.94 16.07 12.55
N GLU F 28 6.65 15.81 12.54
CA GLU F 28 5.82 16.45 11.53
C GLU F 28 5.70 17.95 11.77
N VAL F 29 5.75 18.33 13.05
CA VAL F 29 5.61 19.71 13.42
C VAL F 29 6.94 20.40 13.10
N VAL F 30 8.03 19.78 13.55
CA VAL F 30 9.38 20.27 13.31
C VAL F 30 9.65 20.51 11.81
N LEU F 31 9.26 19.55 10.98
CA LEU F 31 9.41 19.70 9.54
C LEU F 31 8.57 20.84 9.03
N ALA F 32 7.35 20.99 9.55
CA ALA F 32 6.55 22.14 9.11
C ALA F 32 7.15 23.49 9.49
N VAL F 33 7.68 23.61 10.71
CA VAL F 33 8.16 24.89 11.18
C VAL F 33 9.49 25.27 10.51
N ARG F 34 10.27 24.26 10.13
CA ARG F 34 11.53 24.47 9.39
C ARG F 34 11.41 25.29 8.11
N HIS F 35 10.23 25.29 7.49
CA HIS F 35 10.02 25.98 6.23
C HIS F 35 9.99 27.49 6.43
N LEU F 36 10.11 27.92 7.68
CA LEU F 36 10.14 29.34 7.97
C LEU F 36 11.56 29.90 7.87
N GLY F 37 12.56 29.02 8.00
CA GLY F 37 13.94 29.39 7.75
C GLY F 37 14.74 29.82 8.95
N TYR F 38 14.30 29.45 10.14
CA TYR F 38 15.00 29.84 11.37
C TYR F 38 15.16 28.68 12.34
N GLU F 39 16.35 28.58 12.93
CA GLU F 39 16.60 27.60 13.97
C GLU F 39 15.62 27.80 15.12
N PHE F 40 15.13 26.70 15.67
CA PHE F 40 14.18 26.77 16.76
C PHE F 40 14.18 25.53 17.62
N TYR F 41 13.45 25.59 18.74
CA TYR F 41 13.22 24.43 19.60
C TYR F 41 11.72 24.16 19.64
N CYS F 42 11.32 22.94 19.99
CA CYS F 42 9.91 22.60 19.87
C CYS F 42 9.41 21.53 20.84
N ASP F 43 8.40 21.86 21.65
CA ASP F 43 7.87 20.91 22.63
C ASP F 43 6.40 20.61 22.36
N TYR F 44 6.05 19.33 22.33
CA TYR F 44 4.80 18.93 21.71
C TYR F 44 4.09 17.72 22.33
N ILE F 45 2.88 17.94 22.82
CA ILE F 45 2.03 16.89 23.40
C ILE F 45 1.01 16.45 22.33
N ASP F 46 -0.10 15.80 22.73
CA ASP F 46 -1.02 15.13 21.77
C ASP F 46 -1.55 15.95 20.56
N GLY F 47 -1.94 17.20 20.79
CA GLY F 47 -2.31 18.11 19.70
C GLY F 47 -1.85 19.58 19.84
N GLN F 48 -0.86 19.87 20.72
CA GLN F 48 -0.39 21.24 20.93
C GLN F 48 1.15 21.37 20.94
N ALA F 49 1.69 22.57 20.66
CA ALA F 49 3.17 22.74 20.61
C ALA F 49 3.67 24.13 20.84
N MET F 50 4.74 24.23 21.61
CA MET F 50 5.40 25.50 21.82
C MET F 50 6.70 25.55 21.03
N ILE F 51 6.84 26.61 20.25
CA ILE F 51 7.97 26.78 19.35
C ILE F 51 8.78 27.93 19.90
N ARG F 52 10.09 27.74 19.95
CA ARG F 52 10.99 28.70 20.57
C ARG F 52 12.04 29.14 19.58
N PHE F 53 11.95 30.38 19.11
CA PHE F 53 12.97 30.85 18.19
C PHE F 53 14.14 31.25 19.05
N GLN F 54 15.28 31.50 18.42
CA GLN F 54 16.51 31.79 19.16
C GLN F 54 16.56 33.21 19.71
N ASN F 55 16.04 34.17 18.97
CA ASN F 55 15.86 35.53 19.48
C ASN F 55 14.45 36.02 19.19
N SER F 56 14.19 37.30 19.44
CA SER F 56 12.83 37.82 19.33
C SER F 56 12.52 38.45 17.98
N ASP F 57 13.56 38.98 17.32
CA ASP F 57 13.40 39.56 16.00
C ASP F 57 13.24 38.45 14.97
N GLU F 58 13.88 37.31 15.25
CA GLU F 58 13.67 36.09 14.49
C GLU F 58 12.21 35.65 14.62
N GLN F 59 11.72 35.67 15.86
CA GLN F 59 10.36 35.27 16.19
C GLN F 59 9.34 36.10 15.41
N ARG F 60 9.49 37.43 15.48
CA ARG F 60 8.63 38.32 14.69
C ARG F 60 8.75 38.07 13.18
N LEU F 61 9.98 37.91 12.67
CA LEU F 61 10.21 37.63 11.26
C LEU F 61 9.45 36.39 10.77
N ALA F 62 9.53 35.32 11.55
CA ALA F 62 8.81 34.10 11.19
C ALA F 62 7.30 34.33 11.26
N ILE F 63 6.85 35.13 12.23
CA ILE F 63 5.43 35.50 12.28
C ILE F 63 5.04 36.28 11.01
N GLN F 64 6.02 36.93 10.38
CA GLN F 64 5.80 37.56 9.08
C GLN F 64 5.66 36.49 7.99
N LYS F 65 6.53 35.48 8.04
CA LYS F 65 6.44 34.37 7.09
C LYS F 65 5.02 33.80 7.03
N LEU F 66 4.46 33.50 8.20
CA LEU F 66 3.09 32.96 8.27
C LEU F 66 2.10 34.05 7.82
N LEU F 67 1.76 34.03 6.53
CA LEU F 67 1.01 35.15 5.93
C LEU F 67 -0.30 34.81 5.21
N ASN F 68 -1.25 34.20 5.91
CA ASN F 68 -2.61 34.15 5.41
C ASN F 68 -3.14 35.56 5.50
N HIS F 69 -3.98 35.95 4.54
CA HIS F 69 -4.49 37.31 4.50
C HIS F 69 -5.99 37.38 4.24
N ASN F 70 -6.63 36.25 4.07
CA ASN F 70 -8.07 36.23 3.80
C ASN F 70 -8.88 36.49 5.06
N ASN F 71 -8.69 35.65 6.09
CA ASN F 71 -9.42 35.79 7.35
C ASN F 71 -8.65 36.57 8.43
N ASN F 72 -7.54 37.20 8.02
CA ASN F 72 -6.66 37.95 8.92
C ASN F 72 -6.00 37.10 10.02
N LYS F 73 -5.88 35.80 9.78
CA LYS F 73 -5.30 34.88 10.77
C LYS F 73 -3.89 34.34 10.44
N LEU F 74 -3.12 34.06 11.50
CA LEU F 74 -1.80 33.43 11.36
C LEU F 74 -1.98 31.93 11.42
N GLN F 75 -1.66 31.23 10.34
CA GLN F 75 -1.82 29.79 10.34
C GLN F 75 -0.64 29.03 9.74
N ILE F 76 -0.57 27.75 10.07
CA ILE F 76 0.44 26.90 9.49
C ILE F 76 -0.16 25.55 9.15
N GLU F 77 0.19 25.06 7.96
CA GLU F 77 -0.30 23.76 7.53
C GLU F 77 0.63 22.63 7.99
N ILE F 78 0.04 21.70 8.72
CA ILE F 78 0.72 20.54 9.25
C ILE F 78 -0.14 19.31 8.94
N ARG F 79 0.46 18.31 8.29
CA ARG F 79 -0.26 17.09 7.91
C ARG F 79 -1.49 17.33 7.02
N GLY F 80 -1.46 18.41 6.24
CA GLY F 80 -2.56 18.76 5.35
C GLY F 80 -3.69 19.52 6.03
N GLN F 81 -3.45 20.01 7.25
CA GLN F 81 -4.48 20.69 8.03
C GLN F 81 -4.12 22.12 8.43
N ILE F 82 -5.14 22.99 8.48
CA ILE F 82 -4.95 24.36 8.92
C ILE F 82 -4.83 24.40 10.45
N CYS F 83 -3.64 24.74 10.94
CA CYS F 83 -3.40 24.84 12.38
C CYS F 83 -3.25 26.26 12.81
N ASP F 84 -3.78 26.58 13.99
CA ASP F 84 -3.76 27.96 14.43
C ASP F 84 -2.46 28.31 15.15
N VAL F 85 -1.95 29.52 14.93
CA VAL F 85 -0.74 29.99 15.61
C VAL F 85 -1.07 31.12 16.59
N ILE F 86 -0.64 30.96 17.84
CA ILE F 86 -0.77 32.00 18.85
C ILE F 86 0.56 32.76 18.93
N SER F 87 0.50 34.07 18.72
CA SER F 87 1.68 34.87 18.42
C SER F 87 2.33 35.56 19.61
N THR F 88 1.63 35.62 20.73
CA THR F 88 2.21 36.13 21.97
C THR F 88 1.77 35.24 23.11
N ILE F 89 2.69 34.98 24.03
CA ILE F 89 2.38 34.14 25.17
C ILE F 89 2.35 35.03 26.40
N PRO F 90 1.22 34.99 27.15
CA PRO F 90 1.12 35.72 28.40
C PRO F 90 2.28 35.33 29.31
N GLU F 91 2.88 36.28 30.02
CA GLU F 91 4.05 35.99 30.86
C GLU F 91 3.80 34.86 31.87
N ASP F 92 2.54 34.74 32.29
CA ASP F 92 2.11 33.68 33.21
C ASP F 92 2.39 32.29 32.64
N GLU F 93 2.03 32.10 31.37
CA GLU F 93 2.21 30.82 30.69
C GLU F 93 3.68 30.63 30.29
N GLU F 94 4.32 31.71 29.85
CA GLU F 94 5.73 31.68 29.50
C GLU F 94 6.57 31.17 30.67
N LYS F 95 6.30 31.68 31.87
CA LYS F 95 6.99 31.20 33.07
C LYS F 95 6.84 29.69 33.27
N ASN F 96 5.62 29.17 33.17
CA ASN F 96 5.37 27.74 33.29
C ASN F 96 6.17 26.96 32.27
N TYR F 97 6.28 27.52 31.06
CA TYR F 97 7.02 26.89 29.98
C TYR F 97 8.52 26.80 30.27
N TRP F 98 9.11 27.91 30.66
CA TRP F 98 10.54 27.89 30.98
C TRP F 98 10.83 26.99 32.18
N ASN F 99 9.96 27.05 33.18
CA ASN F 99 10.07 26.21 34.36
C ASN F 99 9.75 24.75 34.09
N TYR F 100 9.22 24.46 32.91
CA TYR F 100 9.08 23.08 32.43
C TYR F 100 10.33 22.67 31.68
N ILE F 101 10.94 23.60 30.95
CA ILE F 101 12.20 23.30 30.27
C ILE F 101 13.31 22.96 31.26
N LYS F 102 13.41 23.74 32.34
CA LYS F 102 14.39 23.44 33.39
C LYS F 102 14.15 22.07 34.04
N PHE F 103 12.89 21.67 34.18
CA PHE F 103 12.55 20.35 34.69
C PHE F 103 12.95 19.26 33.71
N LYS F 104 12.66 19.49 32.42
CA LYS F 104 12.98 18.54 31.35
C LYS F 104 14.50 18.43 31.16
N LYS F 105 15.21 19.51 31.49
CA LYS F 105 16.67 19.58 31.38
C LYS F 105 17.31 19.17 32.70
N ASN F 106 16.68 18.23 33.40
CA ASN F 106 17.21 17.74 34.66
C ASN F 106 17.25 16.23 34.73
N GLU F 107 18.15 15.65 33.94
CA GLU F 107 18.45 14.21 34.00
C GLU F 107 19.95 13.99 33.85
N PHE F 108 20.62 14.92 33.17
CA PHE F 108 22.08 14.91 33.10
C PHE F 108 22.65 15.81 34.19
N ARG F 109 21.79 16.64 34.79
CA ARG F 109 22.20 17.52 35.87
C ARG F 109 22.41 16.76 37.17
S SO4 G . -9.09 1.32 3.38
O1 SO4 G . -8.18 1.28 2.23
O2 SO4 G . -10.21 2.21 3.11
O3 SO4 G . -8.39 1.83 4.57
O4 SO4 G . -9.60 -0.04 3.65
#